data_4K76
#
_entry.id   4K76
#
_cell.length_a   32.762
_cell.length_b   50.169
_cell.length_c   55.183
_cell.angle_alpha   68.81
_cell.angle_beta   75.79
_cell.angle_gamma   87.93
#
_symmetry.space_group_name_H-M   'P 1'
#
loop_
_entity.id
_entity.type
_entity.pdbx_description
1 polymer 'Golgi-associated PDZ and coiled-coil motif-containing protein'
2 polymer 'iCAL36-TRL peptide'
3 non-polymer GLYCEROL
4 water water
#
loop_
_entity_poly.entity_id
_entity_poly.type
_entity_poly.pdbx_seq_one_letter_code
_entity_poly.pdbx_strand_id
1 'polypeptide(L)'
;GPIRKVLLLKEDHEGLGISITGGKEHGVPILISEIHPGQPADRCGGLHVGDAILAVNGVNLRDTKHKEAVTILSQQRGEI
EFEVVYV
;
A,B,C,D
2 'polypeptide(L)' ANSRWPTTRL E,F,G,H
#
loop_
_chem_comp.id
_chem_comp.type
_chem_comp.name
_chem_comp.formula
GOL non-polymer GLYCEROL 'C3 H8 O3'
#
# COMPACT_ATOMS: atom_id res chain seq x y z
N GLY A 1 -25.90 -1.90 -0.05
CA GLY A 1 -25.09 -1.52 -1.20
C GLY A 1 -24.01 -2.53 -1.48
N PRO A 2 -23.17 -2.27 -2.50
CA PRO A 2 -22.07 -3.17 -2.86
C PRO A 2 -20.90 -3.04 -1.89
N ILE A 3 -20.12 -4.10 -1.76
CA ILE A 3 -18.84 -4.03 -1.05
C ILE A 3 -17.84 -3.26 -1.90
N ARG A 4 -17.22 -2.26 -1.30
CA ARG A 4 -16.42 -1.33 -2.08
C ARG A 4 -15.01 -1.28 -1.55
N LYS A 5 -14.04 -1.26 -2.45
CA LYS A 5 -12.68 -0.99 -2.04
C LYS A 5 -12.44 0.48 -2.36
N VAL A 6 -11.91 1.20 -1.37
CA VAL A 6 -11.80 2.63 -1.47
C VAL A 6 -10.40 3.06 -1.10
N LEU A 7 -9.79 3.88 -1.96
CA LEU A 7 -8.44 4.38 -1.72
C LEU A 7 -8.48 5.57 -0.78
N LEU A 8 -7.55 5.59 0.17
CA LEU A 8 -7.33 6.75 1.01
C LEU A 8 -5.82 6.99 1.11
N LEU A 9 -5.39 8.22 0.87
CA LEU A 9 -3.98 8.58 0.95
C LEU A 9 -3.71 9.39 2.23
N LYS A 10 -2.87 8.87 3.11
CA LYS A 10 -2.64 9.46 4.42
C LYS A 10 -1.16 9.73 4.65
N GLU A 11 -0.79 10.98 4.80
CA GLU A 11 0.59 11.31 5.18
C GLU A 11 0.75 11.01 6.67
N ASP A 12 1.99 10.82 7.11
CA ASP A 12 2.22 10.46 8.51
C ASP A 12 1.79 11.56 9.50
N HIS A 13 1.80 12.80 9.06
CA HIS A 13 1.50 13.92 9.97
C HIS A 13 0.01 14.15 10.20
N GLU A 14 -0.82 13.35 9.55
CA GLU A 14 -2.26 13.55 9.65
C GLU A 14 -2.98 12.27 10.02
N GLY A 15 -4.23 12.39 10.46
CA GLY A 15 -5.05 11.24 10.77
C GLY A 15 -5.79 10.76 9.54
N LEU A 16 -6.61 9.74 9.71
CA LEU A 16 -7.43 9.23 8.62
C LEU A 16 -8.53 10.22 8.27
N GLY A 17 -8.97 10.98 9.27
CA GLY A 17 -10.06 11.92 9.08
C GLY A 17 -11.44 11.28 9.19
N ILE A 18 -11.54 10.21 9.97
CA ILE A 18 -12.84 9.58 10.24
C ILE A 18 -13.00 9.34 11.73
N SER A 19 -14.24 9.32 12.20
CA SER A 19 -14.53 8.77 13.52
C SER A 19 -15.25 7.45 13.31
N ILE A 20 -14.93 6.49 14.17
CA ILE A 20 -15.61 5.19 14.15
C ILE A 20 -16.36 4.90 15.45
N THR A 21 -17.37 4.06 15.33
CA THR A 21 -18.16 3.63 16.48
C THR A 21 -18.47 2.15 16.26
N GLY A 22 -19.13 1.52 17.22
CA GLY A 22 -19.50 0.13 17.06
C GLY A 22 -18.38 -0.83 17.40
N GLY A 23 -18.49 -2.05 16.90
CA GLY A 23 -17.52 -3.08 17.23
C GLY A 23 -18.19 -4.29 17.84
N LYS A 24 -17.43 -5.38 17.91
CA LYS A 24 -17.98 -6.68 18.31
C LYS A 24 -18.67 -6.67 19.67
N GLU A 25 -18.16 -5.89 20.61
CA GLU A 25 -18.71 -5.89 21.97
C GLU A 25 -20.11 -5.27 22.02
N HIS A 26 -20.46 -4.55 20.94
CA HIS A 26 -21.78 -3.93 20.80
C HIS A 26 -22.67 -4.66 19.79
N GLY A 27 -22.16 -5.76 19.22
CA GLY A 27 -22.92 -6.56 18.29
C GLY A 27 -23.16 -5.91 16.93
N VAL A 28 -22.27 -5.00 16.56
CA VAL A 28 -22.41 -4.30 15.29
C VAL A 28 -21.01 -4.13 14.70
N PRO A 29 -20.92 -3.89 13.38
CA PRO A 29 -19.60 -3.75 12.76
C PRO A 29 -18.94 -2.45 13.20
N ILE A 30 -17.67 -2.28 12.86
CA ILE A 30 -17.03 -0.98 12.97
C ILE A 30 -17.70 -0.09 11.92
N LEU A 31 -18.29 1.01 12.38
CA LEU A 31 -19.06 1.90 11.51
C LEU A 31 -18.44 3.30 11.49
N ILE A 32 -18.42 3.93 10.33
CA ILE A 32 -17.99 5.32 10.25
C ILE A 32 -19.09 6.23 10.79
N SER A 33 -18.78 7.03 11.80
CA SER A 33 -19.77 7.90 12.43
C SER A 33 -19.61 9.35 11.96
N GLU A 34 -18.45 9.66 11.42
CA GLU A 34 -18.13 11.03 11.03
C GLU A 34 -17.00 11.04 10.00
N ILE A 35 -17.10 11.94 9.04
CA ILE A 35 -16.00 12.22 8.10
C ILE A 35 -15.58 13.67 8.34
N HIS A 36 -14.32 13.88 8.69
CA HIS A 36 -13.89 15.23 9.10
C HIS A 36 -13.38 16.06 7.93
N PRO A 37 -13.81 17.33 7.86
CA PRO A 37 -13.54 18.19 6.70
C PRO A 37 -12.04 18.39 6.42
N GLY A 38 -11.66 18.20 5.16
CA GLY A 38 -10.32 18.52 4.69
C GLY A 38 -9.28 17.47 5.03
N GLN A 39 -9.67 16.45 5.78
CA GLN A 39 -8.73 15.39 6.12
C GLN A 39 -8.82 14.29 5.06
N PRO A 40 -7.93 13.29 5.12
CA PRO A 40 -7.80 12.38 3.97
C PRO A 40 -9.10 11.72 3.46
N ALA A 41 -9.96 11.25 4.36
CA ALA A 41 -11.18 10.59 3.90
C ALA A 41 -12.07 11.57 3.14
N ASP A 42 -12.17 12.79 3.66
CA ASP A 42 -12.97 13.84 3.01
C ASP A 42 -12.36 14.24 1.65
N ARG A 43 -11.05 14.42 1.61
CA ARG A 43 -10.38 14.87 0.40
C ARG A 43 -10.52 13.85 -0.74
N CYS A 44 -10.33 12.58 -0.41
CA CYS A 44 -10.36 11.53 -1.42
C CYS A 44 -11.78 11.14 -1.85
N GLY A 45 -12.75 11.25 -0.94
CA GLY A 45 -14.11 10.83 -1.24
C GLY A 45 -14.18 9.32 -1.12
N GLY A 46 -15.37 8.75 -1.28
CA GLY A 46 -15.50 7.30 -1.30
C GLY A 46 -15.93 6.66 0.01
N LEU A 47 -15.74 7.38 1.11
CA LEU A 47 -16.18 6.87 2.41
C LEU A 47 -17.33 7.71 2.94
N HIS A 48 -18.30 7.05 3.54
CA HIS A 48 -19.50 7.75 3.99
C HIS A 48 -19.95 7.37 5.40
N VAL A 49 -20.58 8.31 6.07
CA VAL A 49 -21.16 8.04 7.38
C VAL A 49 -22.13 6.87 7.24
N GLY A 50 -21.95 5.87 8.10
CA GLY A 50 -22.80 4.69 8.09
C GLY A 50 -22.16 3.50 7.41
N ASP A 51 -21.08 3.75 6.68
CA ASP A 51 -20.36 2.64 6.07
C ASP A 51 -19.81 1.73 7.15
N ALA A 52 -19.90 0.42 6.95
CA ALA A 52 -19.20 -0.51 7.83
C ALA A 52 -17.81 -0.80 7.26
N ILE A 53 -16.79 -0.76 8.11
CA ILE A 53 -15.44 -1.11 7.68
C ILE A 53 -15.18 -2.60 7.89
N LEU A 54 -15.07 -3.33 6.77
CA LEU A 54 -14.89 -4.78 6.81
C LEU A 54 -13.41 -5.14 6.91
N ALA A 55 -12.55 -4.29 6.35
CA ALA A 55 -11.13 -4.56 6.33
C ALA A 55 -10.35 -3.32 5.95
N VAL A 56 -9.08 -3.28 6.33
CA VAL A 56 -8.21 -2.20 5.91
C VAL A 56 -6.85 -2.79 5.54
N ASN A 57 -6.38 -2.47 4.33
CA ASN A 57 -5.14 -3.03 3.79
C ASN A 57 -5.08 -4.54 3.92
N GLY A 58 -6.22 -5.17 3.64
CA GLY A 58 -6.35 -6.61 3.67
C GLY A 58 -6.52 -7.19 5.06
N VAL A 59 -6.48 -6.33 6.08
CA VAL A 59 -6.55 -6.81 7.45
C VAL A 59 -8.01 -6.84 7.87
N ASN A 60 -8.48 -8.01 8.28
CA ASN A 60 -9.88 -8.20 8.61
C ASN A 60 -10.30 -7.38 9.84
N LEU A 61 -11.41 -6.63 9.71
CA LEU A 61 -11.96 -5.87 10.84
C LEU A 61 -13.34 -6.37 11.22
N ARG A 62 -13.81 -7.40 10.51
CA ARG A 62 -15.06 -8.04 10.87
C ARG A 62 -14.88 -8.65 12.25
N ASP A 63 -15.93 -8.61 13.07
CA ASP A 63 -15.89 -9.29 14.35
C ASP A 63 -14.76 -8.79 15.25
N THR A 64 -14.31 -7.55 15.01
CA THR A 64 -13.26 -6.95 15.80
C THR A 64 -13.88 -6.02 16.86
N LYS A 65 -13.34 -6.08 18.08
N LYS A 65 -13.33 -6.06 18.07
CA LYS A 65 -13.79 -5.18 19.14
CA LYS A 65 -13.77 -5.18 19.13
C LYS A 65 -13.35 -3.77 18.80
C LYS A 65 -13.30 -3.77 18.85
N HIS A 66 -14.04 -2.79 19.38
CA HIS A 66 -13.75 -1.39 19.08
C HIS A 66 -12.29 -1.02 19.24
N LYS A 67 -11.68 -1.39 20.36
CA LYS A 67 -10.30 -1.02 20.64
C LYS A 67 -9.31 -1.70 19.69
N GLU A 68 -9.52 -2.97 19.35
N GLU A 68 -9.56 -2.98 19.37
CA GLU A 68 -8.61 -3.61 18.39
CA GLU A 68 -8.75 -3.71 18.40
C GLU A 68 -8.70 -2.98 17.01
C GLU A 68 -8.72 -2.96 17.08
N ALA A 69 -9.90 -2.59 16.61
CA ALA A 69 -10.05 -1.90 15.34
C ALA A 69 -9.34 -0.56 15.38
N VAL A 70 -9.49 0.18 16.48
CA VAL A 70 -8.77 1.44 16.61
C VAL A 70 -7.27 1.23 16.45
N THR A 71 -6.75 0.20 17.09
CA THR A 71 -5.32 -0.09 17.02
C THR A 71 -4.89 -0.41 15.59
N ILE A 72 -5.59 -1.33 14.95
CA ILE A 72 -5.28 -1.67 13.57
C ILE A 72 -5.39 -0.46 12.63
N LEU A 73 -6.53 0.22 12.63
CA LEU A 73 -6.70 1.36 11.74
C LEU A 73 -5.61 2.42 11.95
N SER A 74 -5.26 2.68 13.21
CA SER A 74 -4.34 3.75 13.53
C SER A 74 -2.91 3.43 13.09
N GLN A 75 -2.65 2.15 12.77
CA GLN A 75 -1.30 1.73 12.33
C GLN A 75 -1.06 1.87 10.83
N GLN A 76 -2.13 2.02 10.06
CA GLN A 76 -2.02 2.10 8.61
C GLN A 76 -1.45 3.43 8.13
N ARG A 77 -0.55 3.38 7.15
CA ARG A 77 0.11 4.58 6.64
C ARG A 77 0.16 4.57 5.12
N GLY A 78 0.22 5.76 4.51
CA GLY A 78 0.45 5.85 3.08
C GLY A 78 -0.78 5.58 2.23
N GLU A 79 -0.62 4.77 1.19
CA GLU A 79 -1.77 4.37 0.38
C GLU A 79 -2.56 3.29 1.10
N ILE A 80 -3.77 3.62 1.54
CA ILE A 80 -4.54 2.72 2.39
C ILE A 80 -5.79 2.29 1.67
N GLU A 81 -6.02 0.97 1.62
CA GLU A 81 -7.22 0.47 0.98
C GLU A 81 -8.24 0.08 2.03
N PHE A 82 -9.42 0.68 1.93
CA PHE A 82 -10.53 0.34 2.81
C PHE A 82 -11.48 -0.59 2.06
N GLU A 83 -11.95 -1.63 2.74
CA GLU A 83 -13.04 -2.40 2.20
C GLU A 83 -14.25 -2.08 3.07
N VAL A 84 -15.26 -1.43 2.48
CA VAL A 84 -16.42 -0.98 3.22
C VAL A 84 -17.70 -1.41 2.53
N VAL A 85 -18.80 -1.34 3.26
CA VAL A 85 -20.09 -1.56 2.65
C VAL A 85 -21.14 -0.78 3.40
N TYR A 86 -22.07 -0.21 2.67
CA TYR A 86 -23.21 0.45 3.29
C TYR A 86 -24.37 -0.54 3.25
N VAL A 87 -24.70 -1.10 4.41
CA VAL A 87 -25.71 -2.14 4.50
C VAL A 87 -26.83 -1.74 5.45
N GLY B 1 3.00 1.75 4.67
CA GLY B 1 2.66 1.98 3.27
C GLY B 1 2.88 3.38 2.73
N PRO B 2 3.83 4.13 3.34
CA PRO B 2 4.12 5.50 2.87
C PRO B 2 5.13 5.49 1.74
N ILE B 3 4.83 6.22 0.68
CA ILE B 3 5.61 6.15 -0.55
C ILE B 3 6.94 6.87 -0.44
N ARG B 4 8.01 6.14 -0.76
CA ARG B 4 9.35 6.69 -0.85
C ARG B 4 9.75 6.83 -2.31
N LYS B 5 10.26 8.01 -2.66
CA LYS B 5 10.78 8.24 -4.00
C LYS B 5 12.29 8.05 -3.94
N VAL B 6 12.80 7.20 -4.81
CA VAL B 6 14.21 6.87 -4.81
C VAL B 6 14.74 7.05 -6.20
N LEU B 7 15.85 7.77 -6.31
CA LEU B 7 16.50 7.93 -7.58
C LEU B 7 17.47 6.78 -7.77
N LEU B 8 17.29 6.04 -8.84
CA LEU B 8 18.27 5.04 -9.25
C LEU B 8 18.92 5.56 -10.51
N LEU B 9 20.23 5.38 -10.60
CA LEU B 9 20.98 5.81 -11.77
C LEU B 9 21.38 4.58 -12.56
N LYS B 10 21.00 4.54 -13.84
CA LYS B 10 21.35 3.42 -14.70
C LYS B 10 22.35 3.87 -15.77
N GLU B 11 23.56 3.32 -15.70
CA GLU B 11 24.57 3.62 -16.70
C GLU B 11 24.20 2.94 -18.02
N ASP B 12 24.65 3.51 -19.13
CA ASP B 12 24.25 3.08 -20.48
C ASP B 12 24.40 1.57 -20.72
N HIS B 13 25.58 1.04 -20.42
CA HIS B 13 25.88 -0.35 -20.73
C HIS B 13 25.79 -1.27 -19.51
N GLU B 14 24.95 -0.88 -18.54
CA GLU B 14 24.75 -1.71 -17.37
C GLU B 14 23.26 -1.97 -17.17
N GLY B 15 22.94 -3.08 -16.51
CA GLY B 15 21.55 -3.37 -16.17
C GLY B 15 21.01 -2.42 -15.13
N LEU B 16 19.77 -2.66 -14.68
CA LEU B 16 19.14 -1.80 -13.68
C LEU B 16 19.85 -1.87 -12.33
N GLY B 17 20.42 -3.03 -12.02
CA GLY B 17 21.12 -3.22 -10.76
C GLY B 17 20.22 -3.78 -9.67
N ILE B 18 19.04 -4.25 -10.05
CA ILE B 18 18.17 -4.93 -9.09
C ILE B 18 17.57 -6.19 -9.74
N SER B 19 17.05 -7.08 -8.90
CA SER B 19 16.25 -8.19 -9.36
C SER B 19 14.90 -8.06 -8.70
N ILE B 20 13.85 -8.53 -9.38
CA ILE B 20 12.51 -8.46 -8.81
C ILE B 20 11.83 -9.82 -8.68
N THR B 21 10.83 -9.87 -7.82
CA THR B 21 10.08 -11.09 -7.59
C THR B 21 8.63 -10.65 -7.35
N GLY B 22 7.73 -11.60 -7.20
CA GLY B 22 6.35 -11.26 -6.90
C GLY B 22 5.52 -10.97 -8.14
N GLY B 23 4.41 -10.27 -7.96
CA GLY B 23 3.53 -9.97 -9.08
C GLY B 23 2.13 -10.44 -8.79
N LYS B 24 1.16 -9.85 -9.47
CA LYS B 24 -0.25 -10.12 -9.18
C LYS B 24 -0.63 -11.61 -9.26
N GLU B 25 -0.02 -12.36 -10.17
CA GLU B 25 -0.38 -13.78 -10.24
C GLU B 25 -0.03 -14.51 -8.94
N HIS B 26 0.88 -13.91 -8.17
CA HIS B 26 1.31 -14.48 -6.90
C HIS B 26 0.59 -13.83 -5.70
N GLY B 27 -0.30 -12.88 -5.99
CA GLY B 27 -1.06 -12.22 -4.95
C GLY B 27 -0.26 -11.22 -4.13
N VAL B 28 0.86 -10.77 -4.68
CA VAL B 28 1.74 -9.85 -3.96
C VAL B 28 2.26 -8.76 -4.89
N PRO B 29 2.76 -7.66 -4.32
CA PRO B 29 3.32 -6.61 -5.19
C PRO B 29 4.58 -7.07 -5.89
N ILE B 30 5.04 -6.25 -6.84
CA ILE B 30 6.38 -6.43 -7.38
C ILE B 30 7.34 -6.05 -6.25
N LEU B 31 8.22 -6.97 -5.89
CA LEU B 31 9.11 -6.78 -4.73
C LEU B 31 10.55 -6.91 -5.17
N ILE B 32 11.45 -6.18 -4.52
CA ILE B 32 12.86 -6.32 -4.86
C ILE B 32 13.40 -7.58 -4.18
N SER B 33 14.02 -8.46 -4.96
CA SER B 33 14.57 -9.71 -4.48
C SER B 33 16.09 -9.64 -4.33
N GLU B 34 16.73 -8.70 -5.02
CA GLU B 34 18.17 -8.45 -4.79
C GLU B 34 18.62 -7.07 -5.27
N ILE B 35 19.65 -6.56 -4.58
CA ILE B 35 20.29 -5.31 -4.92
C ILE B 35 21.69 -5.72 -5.36
N HIS B 36 22.06 -5.41 -6.60
CA HIS B 36 23.31 -5.91 -7.13
C HIS B 36 24.49 -5.10 -6.59
N PRO B 37 25.64 -5.77 -6.38
CA PRO B 37 26.74 -5.07 -5.70
C PRO B 37 27.17 -3.80 -6.44
N GLY B 38 27.38 -2.74 -5.66
CA GLY B 38 27.87 -1.48 -6.20
C GLY B 38 26.78 -0.52 -6.63
N GLN B 39 25.52 -0.93 -6.57
CA GLN B 39 24.45 0.00 -6.93
C GLN B 39 24.44 1.16 -5.94
N PRO B 40 24.55 2.40 -6.44
CA PRO B 40 24.48 3.56 -5.55
C PRO B 40 23.22 3.58 -4.70
N ALA B 41 22.14 2.95 -5.18
CA ALA B 41 20.89 2.93 -4.42
C ALA B 41 20.88 1.97 -3.23
N ASP B 42 21.98 1.21 -3.06
CA ASP B 42 22.15 0.30 -1.93
C ASP B 42 22.57 1.08 -0.70
N ARG B 43 21.60 1.67 0.00
CA ARG B 43 21.87 2.65 1.05
C ARG B 43 20.62 3.04 1.82
N CYS B 44 20.83 3.70 2.96
CA CYS B 44 19.73 4.28 3.72
C CYS B 44 18.96 5.20 2.79
N GLY B 45 17.64 5.06 2.74
CA GLY B 45 16.81 5.89 1.89
C GLY B 45 16.84 5.48 0.42
N GLY B 46 17.47 4.34 0.14
CA GLY B 46 17.54 3.82 -1.21
C GLY B 46 16.61 2.65 -1.47
N LEU B 47 17.13 1.64 -2.17
CA LEU B 47 16.36 0.42 -2.48
C LEU B 47 16.89 -0.78 -1.69
N HIS B 48 15.97 -1.67 -1.30
CA HIS B 48 16.31 -2.83 -0.47
C HIS B 48 15.53 -4.07 -0.88
N VAL B 49 16.06 -5.24 -0.54
CA VAL B 49 15.31 -6.47 -0.71
C VAL B 49 14.06 -6.32 0.14
N GLY B 50 12.91 -6.64 -0.43
CA GLY B 50 11.66 -6.59 0.32
C GLY B 50 10.88 -5.30 0.12
N ASP B 51 11.50 -4.31 -0.53
CA ASP B 51 10.78 -3.09 -0.91
C ASP B 51 9.76 -3.40 -2.00
N ALA B 52 8.54 -2.86 -1.86
CA ALA B 52 7.51 -3.03 -2.87
C ALA B 52 7.60 -1.87 -3.86
N ILE B 53 7.64 -2.19 -5.15
CA ILE B 53 7.71 -1.16 -6.18
C ILE B 53 6.30 -0.82 -6.70
N LEU B 54 5.83 0.38 -6.40
CA LEU B 54 4.51 0.83 -6.84
C LEU B 54 4.52 1.48 -8.22
N ALA B 55 5.64 2.11 -8.58
CA ALA B 55 5.73 2.77 -9.87
C ALA B 55 7.19 3.04 -10.25
N VAL B 56 7.45 3.17 -11.54
CA VAL B 56 8.79 3.56 -11.99
C VAL B 56 8.65 4.64 -13.06
N ASN B 57 9.27 5.79 -12.84
CA ASN B 57 9.12 6.92 -13.76
C ASN B 57 7.65 7.22 -14.10
N GLY B 58 6.80 7.21 -13.07
CA GLY B 58 5.39 7.49 -13.25
C GLY B 58 4.56 6.39 -13.92
N VAL B 59 5.19 5.28 -14.25
CA VAL B 59 4.48 4.13 -14.81
C VAL B 59 4.09 3.15 -13.69
N ASN B 60 2.78 2.94 -13.56
CA ASN B 60 2.24 2.08 -12.52
C ASN B 60 2.74 0.63 -12.56
N LEU B 61 3.02 0.08 -11.38
CA LEU B 61 3.43 -1.30 -11.22
C LEU B 61 2.57 -2.00 -10.17
N ARG B 62 1.56 -1.28 -9.66
CA ARG B 62 0.65 -1.86 -8.69
C ARG B 62 -0.19 -2.92 -9.37
N ASP B 63 -0.45 -4.02 -8.68
CA ASP B 63 -1.32 -5.04 -9.22
C ASP B 63 -0.96 -5.38 -10.65
N THR B 64 0.34 -5.60 -10.89
CA THR B 64 0.85 -5.91 -12.21
C THR B 64 1.48 -7.31 -12.18
N LYS B 65 1.31 -8.08 -13.27
CA LYS B 65 1.89 -9.41 -13.38
C LYS B 65 3.41 -9.30 -13.47
N HIS B 66 4.09 -10.35 -13.06
CA HIS B 66 5.56 -10.34 -13.00
C HIS B 66 6.20 -9.97 -14.34
N LYS B 67 5.86 -10.68 -15.40
CA LYS B 67 6.50 -10.44 -16.69
C LYS B 67 6.22 -9.04 -17.25
N GLU B 68 5.06 -8.48 -16.91
CA GLU B 68 4.71 -7.14 -17.35
C GLU B 68 5.60 -6.11 -16.67
N ALA B 69 5.83 -6.32 -15.38
CA ALA B 69 6.74 -5.47 -14.63
C ALA B 69 8.15 -5.57 -15.20
N VAL B 70 8.59 -6.78 -15.55
CA VAL B 70 9.92 -6.96 -16.11
C VAL B 70 10.07 -6.14 -17.39
N THR B 71 9.04 -6.17 -18.23
CA THR B 71 9.06 -5.38 -19.46
C THR B 71 9.14 -3.87 -19.19
N ILE B 72 8.25 -3.37 -18.34
CA ILE B 72 8.22 -1.95 -17.98
C ILE B 72 9.57 -1.50 -17.40
N LEU B 73 10.10 -2.28 -16.46
CA LEU B 73 11.36 -1.94 -15.82
C LEU B 73 12.53 -1.98 -16.79
N SER B 74 12.52 -2.93 -17.71
CA SER B 74 13.63 -3.09 -18.65
C SER B 74 13.72 -1.94 -19.65
N GLN B 75 12.63 -1.21 -19.82
CA GLN B 75 12.57 -0.09 -20.76
C GLN B 75 12.98 1.26 -20.15
N GLN B 76 13.27 1.28 -18.86
CA GLN B 76 13.62 2.53 -18.20
C GLN B 76 15.10 2.86 -18.43
N ARG B 77 15.42 4.14 -18.60
CA ARG B 77 16.79 4.57 -18.88
C ARG B 77 17.22 5.75 -18.02
N GLY B 78 18.52 5.84 -17.77
CA GLY B 78 19.12 7.01 -17.14
C GLY B 78 18.78 7.21 -15.68
N GLU B 79 18.29 8.41 -15.38
CA GLU B 79 17.84 8.75 -14.04
C GLU B 79 16.44 8.20 -13.84
N ILE B 80 16.33 7.13 -13.07
CA ILE B 80 15.06 6.43 -12.93
C ILE B 80 14.45 6.65 -11.55
N GLU B 81 13.21 7.16 -11.51
CA GLU B 81 12.59 7.43 -10.21
C GLU B 81 11.67 6.29 -9.79
N PHE B 82 12.06 5.57 -8.74
CA PHE B 82 11.21 4.55 -8.17
C PHE B 82 10.32 5.12 -7.09
N GLU B 83 9.06 4.70 -7.08
CA GLU B 83 8.22 4.94 -5.93
C GLU B 83 8.07 3.60 -5.24
N VAL B 84 8.61 3.49 -4.03
CA VAL B 84 8.56 2.23 -3.31
C VAL B 84 8.00 2.39 -1.91
N VAL B 85 7.61 1.26 -1.31
CA VAL B 85 7.18 1.21 0.07
C VAL B 85 8.12 0.32 0.88
N TYR B 86 8.62 0.84 1.99
CA TYR B 86 9.58 0.13 2.84
C TYR B 86 8.94 -0.79 3.87
N VAL B 87 7.68 -0.49 4.22
CA VAL B 87 7.01 -1.16 5.33
C VAL B 87 5.55 -1.47 5.00
N GLY C 1 -28.17 11.68 -5.47
CA GLY C 1 -26.92 12.36 -5.21
C GLY C 1 -26.59 13.38 -6.28
N PRO C 2 -25.56 14.20 -6.05
CA PRO C 2 -25.19 15.21 -7.05
C PRO C 2 -24.43 14.62 -8.23
N ILE C 3 -24.79 15.02 -9.45
CA ILE C 3 -24.01 14.61 -10.63
C ILE C 3 -22.64 15.27 -10.60
N ARG C 4 -21.61 14.46 -10.73
CA ARG C 4 -20.24 14.92 -10.70
C ARG C 4 -19.61 14.68 -12.05
N LYS C 5 -18.81 15.64 -12.53
CA LYS C 5 -18.01 15.42 -13.73
C LYS C 5 -16.58 15.07 -13.31
N VAL C 6 -16.04 14.01 -13.90
CA VAL C 6 -14.65 13.65 -13.69
C VAL C 6 -13.96 13.53 -15.03
N LEU C 7 -12.90 14.32 -15.23
CA LEU C 7 -12.14 14.25 -16.46
C LEU C 7 -10.95 13.32 -16.28
N LEU C 8 -10.99 12.21 -17.01
CA LEU C 8 -9.94 11.20 -16.95
C LEU C 8 -9.10 11.29 -18.22
N LEU C 9 -7.78 11.37 -18.06
CA LEU C 9 -6.89 11.40 -19.21
C LEU C 9 -6.07 10.13 -19.22
N LYS C 10 -5.92 9.52 -20.38
CA LYS C 10 -5.08 8.35 -20.48
C LYS C 10 -4.44 8.19 -21.83
N GLU C 11 -3.36 7.44 -21.84
CA GLU C 11 -2.69 7.05 -23.07
C GLU C 11 -3.37 5.78 -23.56
N ASP C 12 -3.21 5.47 -24.84
CA ASP C 12 -3.99 4.41 -25.43
C ASP C 12 -3.72 3.03 -24.81
N HIS C 13 -2.51 2.82 -24.31
CA HIS C 13 -2.17 1.51 -23.75
C HIS C 13 -2.66 1.30 -22.32
N GLU C 14 -3.21 2.34 -21.71
CA GLU C 14 -3.48 2.32 -20.27
C GLU C 14 -4.76 1.63 -19.82
N GLY C 15 -5.83 1.74 -20.57
CA GLY C 15 -7.12 1.27 -20.05
C GLY C 15 -7.69 2.29 -19.06
N LEU C 16 -9.00 2.22 -18.81
CA LEU C 16 -9.63 3.21 -17.94
C LEU C 16 -9.27 2.93 -16.49
N GLY C 17 -9.18 1.66 -16.14
CA GLY C 17 -8.81 1.27 -14.78
C GLY C 17 -10.06 1.13 -13.93
N ILE C 18 -11.18 0.82 -14.58
CA ILE C 18 -12.40 0.51 -13.85
C ILE C 18 -13.00 -0.81 -14.30
N SER C 19 -13.82 -1.40 -13.41
CA SER C 19 -14.70 -2.48 -13.80
C SER C 19 -16.10 -1.95 -13.63
N ILE C 20 -16.98 -2.28 -14.56
CA ILE C 20 -18.37 -1.87 -14.48
C ILE C 20 -19.28 -3.08 -14.35
N THR C 21 -20.45 -2.84 -13.78
CA THR C 21 -21.45 -3.86 -13.62
C THR C 21 -22.78 -3.20 -13.89
N GLY C 22 -23.86 -3.95 -13.83
CA GLY C 22 -25.17 -3.37 -14.00
C GLY C 22 -25.57 -3.23 -15.46
N GLY C 23 -26.57 -2.39 -15.70
CA GLY C 23 -27.12 -2.25 -17.03
C GLY C 23 -28.62 -2.46 -17.03
N LYS C 24 -29.29 -1.98 -18.07
CA LYS C 24 -30.74 -1.93 -18.07
C LYS C 24 -31.34 -3.33 -18.00
N GLU C 25 -30.67 -4.33 -18.56
CA GLU C 25 -31.22 -5.68 -18.51
C GLU C 25 -31.31 -6.17 -17.07
N HIS C 26 -30.54 -5.53 -16.18
CA HIS C 26 -30.56 -5.86 -14.75
C HIS C 26 -31.32 -4.84 -13.92
N GLY C 27 -31.93 -3.86 -14.59
CA GLY C 27 -32.78 -2.89 -13.94
C GLY C 27 -32.03 -1.87 -13.10
N VAL C 28 -30.73 -1.75 -13.34
CA VAL C 28 -29.91 -0.78 -12.62
C VAL C 28 -29.01 -0.02 -13.59
N PRO C 29 -28.47 1.13 -13.14
CA PRO C 29 -27.55 1.88 -14.01
C PRO C 29 -26.26 1.11 -14.26
N ILE C 30 -25.47 1.59 -15.21
CA ILE C 30 -24.08 1.16 -15.31
C ILE C 30 -23.36 1.62 -14.04
N LEU C 31 -22.79 0.67 -13.30
CA LEU C 31 -22.18 0.96 -12.01
C LEU C 31 -20.70 0.61 -11.95
N ILE C 32 -19.90 1.50 -11.36
CA ILE C 32 -18.49 1.18 -11.12
C ILE C 32 -18.40 0.21 -9.95
N SER C 33 -17.88 -0.98 -10.21
CA SER C 33 -17.78 -2.00 -9.18
C SER C 33 -16.36 -2.09 -8.64
N GLU C 34 -15.39 -1.67 -9.44
CA GLU C 34 -13.99 -1.71 -9.05
C GLU C 34 -13.22 -0.55 -9.64
N ILE C 35 -12.26 -0.04 -8.87
CA ILE C 35 -11.31 0.94 -9.36
C ILE C 35 -9.95 0.29 -9.17
N HIS C 36 -9.21 0.11 -10.27
CA HIS C 36 -7.99 -0.66 -10.24
C HIS C 36 -6.79 0.20 -9.88
N PRO C 37 -5.96 -0.31 -8.97
CA PRO C 37 -4.91 0.51 -8.37
C PRO C 37 -3.88 1.01 -9.37
N GLY C 38 -3.57 2.30 -9.28
CA GLY C 38 -2.50 2.88 -10.07
C GLY C 38 -2.88 3.20 -11.49
N GLN C 39 -4.07 2.75 -11.89
CA GLN C 39 -4.58 3.02 -13.23
C GLN C 39 -5.25 4.41 -13.28
N PRO C 40 -5.60 4.89 -14.49
CA PRO C 40 -6.05 6.28 -14.63
C PRO C 40 -7.25 6.70 -13.78
N ALA C 41 -8.13 5.76 -13.44
CA ALA C 41 -9.31 6.11 -12.66
C ALA C 41 -9.01 6.13 -11.17
N ASP C 42 -7.85 5.60 -10.81
CA ASP C 42 -7.50 5.47 -9.41
C ASP C 42 -6.83 6.73 -8.93
N ARG C 43 -7.63 7.69 -8.50
CA ARG C 43 -7.10 8.91 -7.95
C ARG C 43 -7.81 9.25 -6.65
N CYS C 44 -7.53 10.45 -6.15
CA CYS C 44 -8.22 10.99 -4.98
C CYS C 44 -9.18 12.05 -5.49
N GLY C 45 -10.47 11.90 -5.16
CA GLY C 45 -11.45 12.91 -5.51
C GLY C 45 -12.03 12.76 -6.91
N GLY C 46 -11.88 11.58 -7.50
CA GLY C 46 -12.43 11.36 -8.83
C GLY C 46 -13.57 10.38 -8.80
N LEU C 47 -13.47 9.32 -9.60
CA LEU C 47 -14.48 8.26 -9.64
C LEU C 47 -14.40 7.41 -8.38
N HIS C 48 -15.55 6.89 -7.96
CA HIS C 48 -15.60 5.94 -6.84
C HIS C 48 -16.42 4.72 -7.16
N VAL C 49 -16.08 3.63 -6.51
CA VAL C 49 -16.88 2.42 -6.60
C VAL C 49 -18.26 2.76 -6.07
N GLY C 50 -19.30 2.30 -6.76
CA GLY C 50 -20.66 2.62 -6.38
C GLY C 50 -21.23 3.78 -7.18
N ASP C 51 -20.39 4.49 -7.92
CA ASP C 51 -20.89 5.53 -8.81
C ASP C 51 -21.67 4.92 -9.96
N ALA C 52 -22.79 5.55 -10.29
CA ALA C 52 -23.50 5.24 -11.51
C ALA C 52 -22.94 6.14 -12.61
N ILE C 53 -22.61 5.54 -13.75
CA ILE C 53 -22.14 6.31 -14.89
C ILE C 53 -23.32 6.70 -15.77
N LEU C 54 -23.61 8.00 -15.81
CA LEU C 54 -24.76 8.51 -16.55
C LEU C 54 -24.42 8.85 -18.01
N ALA C 55 -23.16 9.23 -18.24
CA ALA C 55 -22.75 9.64 -19.56
C ALA C 55 -21.23 9.73 -19.61
N VAL C 56 -20.67 9.58 -20.81
CA VAL C 56 -19.25 9.76 -21.02
C VAL C 56 -19.05 10.58 -22.29
N ASN C 57 -18.29 11.67 -22.18
CA ASN C 57 -18.07 12.56 -23.32
C ASN C 57 -19.38 12.96 -23.99
N GLY C 58 -20.39 13.23 -23.18
CA GLY C 58 -21.67 13.69 -23.68
C GLY C 58 -22.56 12.60 -24.25
N VAL C 59 -22.05 11.37 -24.30
CA VAL C 59 -22.83 10.25 -24.79
C VAL C 59 -23.63 9.62 -23.64
N ASN C 60 -24.94 9.58 -23.77
CA ASN C 60 -25.81 9.07 -22.73
C ASN C 60 -25.59 7.57 -22.46
N LEU C 61 -25.42 7.21 -21.19
CA LEU C 61 -25.31 5.81 -20.81
C LEU C 61 -26.46 5.36 -19.91
N ARG C 62 -27.41 6.25 -19.67
CA ARG C 62 -28.58 5.90 -18.88
C ARG C 62 -29.40 4.87 -19.64
N ASP C 63 -29.90 3.85 -18.95
CA ASP C 63 -30.72 2.85 -19.63
C ASP C 63 -30.00 2.23 -20.84
N THR C 64 -28.70 1.98 -20.71
CA THR C 64 -27.99 1.20 -21.71
C THR C 64 -27.86 -0.21 -21.19
N LYS C 65 -27.84 -1.18 -22.08
CA LYS C 65 -27.53 -2.54 -21.71
C LYS C 65 -26.06 -2.61 -21.39
N HIS C 66 -25.66 -3.62 -20.61
CA HIS C 66 -24.26 -3.73 -20.21
C HIS C 66 -23.30 -3.69 -21.40
N LYS C 67 -23.51 -4.55 -22.39
CA LYS C 67 -22.55 -4.62 -23.50
C LYS C 67 -22.53 -3.35 -24.34
N GLU C 68 -23.66 -2.66 -24.46
CA GLU C 68 -23.65 -1.42 -25.24
C GLU C 68 -22.91 -0.32 -24.52
N ALA C 69 -22.94 -0.34 -23.19
CA ALA C 69 -22.14 0.63 -22.43
C ALA C 69 -20.66 0.31 -22.59
N VAL C 70 -20.31 -0.97 -22.62
CA VAL C 70 -18.92 -1.35 -22.79
C VAL C 70 -18.44 -0.84 -24.13
N THR C 71 -19.28 -0.99 -25.15
CA THR C 71 -18.93 -0.51 -26.48
C THR C 71 -18.74 1.00 -26.47
N ILE C 72 -19.70 1.74 -25.92
CA ILE C 72 -19.61 3.20 -25.89
C ILE C 72 -18.36 3.64 -25.12
N LEU C 73 -18.11 3.06 -23.95
CA LEU C 73 -16.93 3.44 -23.16
C LEU C 73 -15.67 3.14 -23.95
N SER C 74 -15.69 2.06 -24.71
CA SER C 74 -14.49 1.67 -25.48
C SER C 74 -14.21 2.59 -26.68
N GLN C 75 -15.22 3.34 -27.09
CA GLN C 75 -15.07 4.28 -28.20
C GLN C 75 -14.51 5.63 -27.77
N GLN C 76 -14.20 5.77 -26.48
CA GLN C 76 -13.62 7.02 -26.00
C GLN C 76 -12.10 6.88 -25.91
N ARG C 77 -11.39 7.86 -26.45
CA ARG C 77 -9.94 7.82 -26.47
C ARG C 77 -9.32 9.10 -25.91
N GLY C 78 -8.29 8.95 -25.08
CA GLY C 78 -7.50 10.08 -24.64
C GLY C 78 -8.10 10.90 -23.52
N GLU C 79 -9.20 11.60 -23.79
CA GLU C 79 -9.87 12.41 -22.78
C GLU C 79 -11.27 11.88 -22.60
N ILE C 80 -11.61 11.56 -21.35
CA ILE C 80 -12.87 10.90 -21.09
C ILE C 80 -13.55 11.61 -19.93
N GLU C 81 -14.61 12.35 -20.25
CA GLU C 81 -15.35 13.09 -19.23
C GLU C 81 -16.54 12.28 -18.77
N PHE C 82 -16.47 11.79 -17.54
CA PHE C 82 -17.55 11.00 -16.95
C PHE C 82 -18.53 11.93 -16.23
N GLU C 83 -19.83 11.66 -16.37
CA GLU C 83 -20.82 12.28 -15.50
C GLU C 83 -21.30 11.14 -14.62
N VAL C 84 -21.13 11.27 -13.31
CA VAL C 84 -21.45 10.18 -12.39
C VAL C 84 -22.25 10.68 -11.19
N VAL C 85 -22.99 9.77 -10.58
CA VAL C 85 -23.67 10.07 -9.32
C VAL C 85 -23.57 8.88 -8.38
N TYR C 86 -23.26 9.12 -7.11
CA TYR C 86 -23.15 8.02 -6.17
C TYR C 86 -24.54 7.60 -5.72
N VAL C 87 -24.93 6.36 -6.01
CA VAL C 87 -26.30 5.92 -5.75
C VAL C 87 -26.38 5.07 -4.48
N GLY D 1 14.23 -15.71 1.54
CA GLY D 1 14.87 -15.42 2.82
C GLY D 1 16.38 -15.32 2.75
N PRO D 2 16.89 -14.42 1.89
CA PRO D 2 18.34 -14.22 1.84
C PRO D 2 18.80 -13.34 2.99
N ILE D 3 20.06 -13.44 3.41
CA ILE D 3 20.58 -12.50 4.38
C ILE D 3 20.88 -11.18 3.70
N ARG D 4 20.41 -10.10 4.30
CA ARG D 4 20.59 -8.79 3.69
C ARG D 4 21.46 -7.89 4.56
N LYS D 5 22.30 -7.07 3.94
CA LYS D 5 23.03 -6.03 4.66
C LYS D 5 22.23 -4.77 4.51
N VAL D 6 21.87 -4.15 5.63
CA VAL D 6 20.99 -2.99 5.61
C VAL D 6 21.65 -1.86 6.37
N LEU D 7 21.75 -0.69 5.73
CA LEU D 7 22.44 0.44 6.34
C LEU D 7 21.48 1.44 6.93
N LEU D 8 21.72 1.80 8.19
N LEU D 8 21.78 1.87 8.14
CA LEU D 8 20.94 2.82 8.87
CA LEU D 8 20.94 2.81 8.87
C LEU D 8 21.81 4.04 9.12
C LEU D 8 21.76 4.03 9.23
N LEU D 9 21.26 5.21 8.89
CA LEU D 9 21.91 6.47 9.27
C LEU D 9 21.12 7.11 10.37
N LYS D 10 21.79 7.53 11.43
CA LYS D 10 21.08 8.24 12.48
C LYS D 10 21.89 9.37 13.08
N GLU D 11 21.19 10.33 13.68
CA GLU D 11 21.85 11.41 14.36
C GLU D 11 22.26 10.90 15.73
N ASP D 12 23.20 11.60 16.37
CA ASP D 12 23.69 11.16 17.66
C ASP D 12 22.63 11.16 18.76
N HIS D 13 21.61 11.99 18.61
CA HIS D 13 20.58 12.10 19.64
C HIS D 13 19.40 11.15 19.42
N GLU D 14 19.40 10.42 18.31
CA GLU D 14 18.31 9.49 17.99
C GLU D 14 18.66 8.06 18.36
N GLY D 15 17.63 7.25 18.59
CA GLY D 15 17.79 5.81 18.62
C GLY D 15 17.71 5.17 17.23
N LEU D 16 17.68 3.85 17.20
CA LEU D 16 17.59 3.13 15.94
C LEU D 16 16.16 3.16 15.37
N GLY D 17 15.17 3.27 16.24
CA GLY D 17 13.79 3.26 15.76
C GLY D 17 13.23 1.85 15.53
N ILE D 18 13.74 0.89 16.27
CA ILE D 18 13.19 -0.47 16.27
C ILE D 18 12.98 -0.96 17.69
N SER D 19 12.11 -1.95 17.85
CA SER D 19 12.04 -2.69 19.10
C SER D 19 12.45 -4.10 18.77
N ILE D 20 13.14 -4.76 19.69
CA ILE D 20 13.56 -6.14 19.49
C ILE D 20 13.04 -7.04 20.61
N THR D 21 12.93 -8.32 20.29
CA THR D 21 12.44 -9.33 21.22
C THR D 21 13.29 -10.60 21.02
N GLY D 22 13.10 -11.60 21.87
CA GLY D 22 13.85 -12.83 21.72
C GLY D 22 15.25 -12.76 22.31
N GLY D 23 16.11 -13.68 21.88
CA GLY D 23 17.45 -13.79 22.44
C GLY D 23 17.74 -15.21 22.91
N LYS D 24 19.03 -15.54 22.98
CA LYS D 24 19.51 -16.85 23.42
C LYS D 24 18.65 -17.53 24.51
N GLU D 25 18.38 -16.80 25.59
CA GLU D 25 17.66 -17.38 26.72
C GLU D 25 16.21 -17.75 26.40
N HIS D 26 15.84 -17.66 25.12
CA HIS D 26 14.47 -17.93 24.70
C HIS D 26 14.43 -18.82 23.47
N GLY D 27 15.59 -19.32 23.05
CA GLY D 27 15.68 -20.26 21.95
C GLY D 27 15.28 -19.71 20.59
N VAL D 28 15.33 -18.40 20.45
CA VAL D 28 15.03 -17.74 19.18
C VAL D 28 16.05 -16.63 18.93
N PRO D 29 16.19 -16.20 17.67
CA PRO D 29 17.12 -15.12 17.37
C PRO D 29 16.66 -13.79 17.98
N ILE D 30 17.54 -12.79 17.95
CA ILE D 30 17.13 -11.42 18.19
C ILE D 30 16.23 -11.05 17.03
N LEU D 31 14.98 -10.72 17.36
CA LEU D 31 13.96 -10.48 16.36
C LEU D 31 13.43 -9.05 16.42
N ILE D 32 13.27 -8.43 15.27
CA ILE D 32 12.64 -7.11 15.21
C ILE D 32 11.13 -7.28 15.41
N SER D 33 10.60 -6.59 16.42
CA SER D 33 9.17 -6.73 16.73
C SER D 33 8.37 -5.48 16.36
N GLU D 34 9.06 -4.36 16.17
CA GLU D 34 8.40 -3.12 15.80
C GLU D 34 9.36 -2.22 15.06
N ILE D 35 8.85 -1.46 14.11
CA ILE D 35 9.62 -0.42 13.44
C ILE D 35 8.84 0.87 13.58
N HIS D 36 9.46 1.84 14.23
CA HIS D 36 8.74 3.03 14.70
C HIS D 36 8.73 4.13 13.66
N PRO D 37 7.51 4.54 13.23
CA PRO D 37 7.37 5.52 12.15
C PRO D 37 8.21 6.78 12.35
N GLY D 38 8.94 7.17 11.30
CA GLY D 38 9.67 8.42 11.32
C GLY D 38 11.07 8.36 11.89
N GLN D 39 11.40 7.26 12.56
CA GLN D 39 12.72 7.12 13.19
C GLN D 39 13.66 6.43 12.20
N PRO D 40 14.94 6.28 12.57
CA PRO D 40 15.89 5.93 11.50
C PRO D 40 15.57 4.65 10.70
N ALA D 41 15.17 3.56 11.33
CA ALA D 41 14.91 2.33 10.57
C ALA D 41 13.79 2.55 9.55
N ASP D 42 12.77 3.29 9.98
CA ASP D 42 11.64 3.61 9.11
C ASP D 42 12.07 4.48 7.92
N ARG D 43 12.89 5.49 8.21
CA ARG D 43 13.32 6.44 7.19
C ARG D 43 14.27 5.79 6.20
N CYS D 44 15.12 4.88 6.68
CA CYS D 44 16.16 4.30 5.84
C CYS D 44 15.67 3.13 5.02
N GLY D 45 14.74 2.35 5.57
CA GLY D 45 14.25 1.17 4.88
C GLY D 45 15.14 -0.05 5.05
N GLY D 46 14.60 -1.21 4.69
CA GLY D 46 15.39 -2.43 4.59
C GLY D 46 15.18 -3.39 5.75
N LEU D 47 14.68 -2.88 6.88
CA LEU D 47 14.36 -3.73 8.01
C LEU D 47 12.86 -4.00 8.08
N HIS D 48 12.49 -5.19 8.55
CA HIS D 48 11.08 -5.57 8.62
C HIS D 48 10.80 -6.28 9.92
N VAL D 49 9.58 -6.13 10.42
CA VAL D 49 9.16 -6.91 11.59
C VAL D 49 9.25 -8.37 11.24
N GLY D 50 9.84 -9.17 12.14
CA GLY D 50 10.01 -10.59 11.88
C GLY D 50 11.43 -10.92 11.49
N ASP D 51 12.18 -9.90 11.07
CA ASP D 51 13.59 -10.13 10.71
C ASP D 51 14.38 -10.57 11.93
N ALA D 52 15.29 -11.53 11.74
CA ALA D 52 16.27 -11.81 12.78
C ALA D 52 17.50 -10.94 12.49
N ILE D 53 18.07 -10.35 13.53
CA ILE D 53 19.31 -9.59 13.41
C ILE D 53 20.49 -10.51 13.70
N LEU D 54 21.28 -10.83 12.68
CA LEU D 54 22.39 -11.77 12.84
C LEU D 54 23.65 -11.08 13.31
N ALA D 55 23.81 -9.81 12.96
CA ALA D 55 25.02 -9.09 13.33
C ALA D 55 24.82 -7.61 13.08
N VAL D 56 25.61 -6.79 13.75
CA VAL D 56 25.60 -5.35 13.53
C VAL D 56 27.03 -4.81 13.55
N ASN D 57 27.39 -4.07 12.50
CA ASN D 57 28.71 -3.50 12.39
C ASN D 57 29.80 -4.54 12.64
N GLY D 58 29.57 -5.75 12.13
CA GLY D 58 30.55 -6.80 12.25
C GLY D 58 30.59 -7.48 13.60
N VAL D 59 29.64 -7.15 14.47
CA VAL D 59 29.52 -7.80 15.76
C VAL D 59 28.42 -8.85 15.70
N ASN D 60 28.81 -10.11 15.82
CA ASN D 60 27.88 -11.23 15.73
C ASN D 60 26.82 -11.16 16.85
N LEU D 61 25.54 -11.20 16.49
CA LEU D 61 24.47 -11.23 17.50
C LEU D 61 23.79 -12.59 17.61
N ARG D 62 24.25 -13.56 16.81
CA ARG D 62 23.76 -14.92 16.96
C ARG D 62 24.21 -15.39 18.34
N ASP D 63 23.31 -16.01 19.09
CA ASP D 63 23.70 -16.56 20.39
C ASP D 63 24.05 -15.47 21.42
N THR D 64 23.44 -14.29 21.29
CA THR D 64 23.51 -13.27 22.34
C THR D 64 22.23 -13.34 23.18
N LYS D 65 22.35 -12.99 24.46
CA LYS D 65 21.18 -12.84 25.28
C LYS D 65 20.60 -11.46 25.04
N HIS D 66 19.30 -11.33 25.28
CA HIS D 66 18.57 -10.11 24.94
C HIS D 66 19.29 -8.87 25.40
N LYS D 67 19.72 -8.86 26.66
CA LYS D 67 20.40 -7.69 27.19
C LYS D 67 21.74 -7.45 26.50
N GLU D 68 22.43 -8.52 26.18
CA GLU D 68 23.69 -8.42 25.46
C GLU D 68 23.50 -7.72 24.12
N ALA D 69 22.48 -8.14 23.38
CA ALA D 69 22.21 -7.58 22.07
C ALA D 69 21.72 -6.14 22.17
N VAL D 70 20.87 -5.85 23.14
CA VAL D 70 20.47 -4.47 23.42
C VAL D 70 21.69 -3.56 23.63
N THR D 71 22.63 -4.02 24.44
CA THR D 71 23.81 -3.21 24.75
C THR D 71 24.65 -2.92 23.51
N ILE D 72 24.92 -3.97 22.73
CA ILE D 72 25.68 -3.83 21.50
C ILE D 72 24.97 -2.90 20.51
N LEU D 73 23.70 -3.18 20.23
CA LEU D 73 22.93 -2.36 19.30
C LEU D 73 22.88 -0.90 19.71
N SER D 74 22.62 -0.65 20.99
CA SER D 74 22.38 0.71 21.48
C SER D 74 23.63 1.57 21.51
N GLN D 75 24.80 0.96 21.32
CA GLN D 75 26.04 1.71 21.45
C GLN D 75 26.68 2.01 20.09
N GLN D 76 26.06 1.58 19.01
CA GLN D 76 26.52 1.93 17.66
C GLN D 76 26.13 3.36 17.29
N ARG D 77 26.94 4.02 16.47
CA ARG D 77 26.70 5.40 16.06
C ARG D 77 26.98 5.65 14.60
N GLY D 78 26.27 6.61 14.01
CA GLY D 78 26.56 7.07 12.66
C GLY D 78 25.90 6.21 11.60
N GLU D 79 26.71 5.61 10.73
CA GLU D 79 26.19 4.68 9.74
C GLU D 79 26.36 3.26 10.24
N ILE D 80 25.23 2.60 10.50
CA ILE D 80 25.23 1.32 11.19
C ILE D 80 24.79 0.23 10.22
N GLU D 81 25.59 -0.80 10.08
CA GLU D 81 25.29 -1.88 9.13
C GLU D 81 24.71 -3.12 9.83
N PHE D 82 23.46 -3.48 9.49
CA PHE D 82 22.82 -4.65 10.07
C PHE D 82 22.93 -5.79 9.09
N GLU D 83 23.05 -7.01 9.60
CA GLU D 83 22.86 -8.20 8.76
C GLU D 83 21.61 -8.87 9.28
N VAL D 84 20.60 -8.96 8.43
CA VAL D 84 19.29 -9.45 8.86
C VAL D 84 18.74 -10.49 7.90
N VAL D 85 17.83 -11.31 8.39
CA VAL D 85 17.21 -12.35 7.57
C VAL D 85 15.82 -12.66 8.09
N TYR D 86 14.88 -12.87 7.18
CA TYR D 86 13.52 -13.27 7.53
C TYR D 86 13.36 -14.77 7.42
N VAL D 87 13.06 -15.44 8.52
CA VAL D 87 12.78 -16.87 8.47
C VAL D 87 11.44 -17.21 9.11
N SER E 3 -24.74 8.41 17.52
CA SER E 3 -23.74 8.23 18.57
C SER E 3 -24.23 7.28 19.66
N ARG E 4 -24.72 6.12 19.23
CA ARG E 4 -25.29 5.14 20.15
C ARG E 4 -24.23 4.46 21.01
N TRP E 5 -23.04 4.26 20.44
CA TRP E 5 -21.94 3.60 21.14
C TRP E 5 -20.73 4.54 21.20
N PRO E 6 -19.68 4.14 21.93
CA PRO E 6 -18.49 4.99 22.04
C PRO E 6 -17.85 5.26 20.67
N THR E 7 -17.29 6.45 20.49
CA THR E 7 -16.69 6.81 19.21
C THR E 7 -15.24 7.20 19.40
N THR E 8 -14.44 6.95 18.37
CA THR E 8 -13.03 7.28 18.41
C THR E 8 -12.68 8.03 17.13
N ARG E 9 -12.00 9.16 17.28
CA ARG E 9 -11.54 9.89 16.10
C ARG E 9 -10.16 9.37 15.66
N LEU E 10 -10.03 9.12 14.36
CA LEU E 10 -8.81 8.53 13.82
C LEU E 10 -8.26 9.39 12.70
N ASN F 2 17.11 -17.15 -2.17
CA ASN F 2 15.99 -17.99 -1.78
C ASN F 2 14.69 -17.19 -1.68
N SER F 3 14.26 -16.59 -2.78
CA SER F 3 13.01 -15.83 -2.78
C SER F 3 11.80 -16.76 -2.70
N ARG F 4 10.70 -16.24 -2.18
CA ARG F 4 9.49 -17.00 -2.04
C ARG F 4 8.83 -17.24 -3.41
N TRP F 5 9.17 -16.39 -4.37
CA TRP F 5 8.63 -16.48 -5.73
C TRP F 5 9.78 -16.44 -6.74
N PRO F 6 9.48 -16.73 -8.01
CA PRO F 6 10.50 -16.62 -9.07
C PRO F 6 11.07 -15.21 -9.12
N THR F 7 12.33 -15.12 -9.49
CA THR F 7 13.01 -13.83 -9.56
C THR F 7 13.51 -13.59 -10.98
N THR F 8 13.58 -12.31 -11.35
CA THR F 8 14.17 -11.94 -12.64
C THR F 8 15.22 -10.86 -12.43
N ARG F 9 16.43 -11.08 -12.92
CA ARG F 9 17.47 -10.07 -12.84
C ARG F 9 17.26 -9.00 -13.92
N LEU F 10 17.30 -7.73 -13.52
CA LEU F 10 17.12 -6.63 -14.47
C LEU F 10 18.43 -5.86 -14.62
N ARG G 4 -24.24 -12.33 -9.73
CA ARG G 4 -24.80 -12.77 -11.00
C ARG G 4 -24.80 -11.65 -12.03
N TRP G 5 -24.36 -10.47 -11.59
CA TRP G 5 -24.20 -9.34 -12.50
C TRP G 5 -22.90 -9.47 -13.27
N PRO G 6 -22.96 -9.32 -14.59
CA PRO G 6 -21.74 -9.36 -15.39
C PRO G 6 -20.81 -8.25 -14.95
N THR G 7 -19.51 -8.51 -14.96
CA THR G 7 -18.51 -7.51 -14.62
C THR G 7 -17.52 -7.40 -15.78
N THR G 8 -17.30 -6.18 -16.26
CA THR G 8 -16.37 -5.98 -17.36
C THR G 8 -15.26 -5.02 -16.95
N ARG G 9 -14.02 -5.41 -17.17
CA ARG G 9 -12.91 -4.52 -16.82
C ARG G 9 -12.49 -3.73 -18.04
N LEU G 10 -12.31 -2.43 -17.86
CA LEU G 10 -11.98 -1.55 -18.97
C LEU G 10 -10.74 -0.74 -18.67
N TRP H 5 8.20 -13.18 25.20
CA TRP H 5 9.57 -12.76 25.51
C TRP H 5 9.61 -11.27 25.79
N PRO H 6 10.67 -10.81 26.47
CA PRO H 6 10.87 -9.37 26.72
C PRO H 6 11.05 -8.58 25.42
N THR H 7 10.73 -7.30 25.47
CA THR H 7 10.83 -6.42 24.32
C THR H 7 11.54 -5.16 24.74
N THR H 8 12.52 -4.70 23.94
CA THR H 8 13.20 -3.47 24.27
C THR H 8 13.15 -2.53 23.08
N ARG H 9 12.83 -1.26 23.34
CA ARG H 9 12.85 -0.24 22.30
C ARG H 9 14.23 0.39 22.19
N LEU H 10 14.70 0.52 20.96
CA LEU H 10 16.06 0.96 20.69
C LEU H 10 16.08 2.14 19.73
C1 GOL I . 11.74 -10.30 -1.35
O1 GOL I . 11.00 -9.85 -0.25
C2 GOL I . 12.18 -11.73 -1.08
O2 GOL I . 12.77 -12.26 -2.26
C3 GOL I . 10.98 -12.59 -0.71
O3 GOL I . 11.40 -13.92 -0.56
#